data_7EB6
#
_entry.id   7EB6
#
_cell.length_a   100.390
_cell.length_b   100.390
_cell.length_c   48.080
_cell.angle_alpha   90.000
_cell.angle_beta   90.000
_cell.angle_gamma   90.000
#
_symmetry.space_group_name_H-M   'I 4'
#
loop_
_entity.id
_entity.type
_entity.pdbx_description
1 polymer 'Arf-GAP with GTPase, ANK repeat and PH domain-containing protein 1'
2 water water
#
_entity_poly.entity_id   1
_entity_poly.type   'polypeptide(L)'
_entity_poly.pdbx_seq_one_letter_code
;GSHMLEPELKVGIVGNLASGKSALVHRYLTGTYVQEESPEGGRFKKEIVVDGQSYLLLIRDEGGPPEAQFAMWVDAVIFV
FSLEDEISFQTVYHYYSRMANYRNTSEIPLVLVGTQDAISSANPRVIDDARARKLSNDLKRCTYYETCATYGLNVERVFQ
DVAQKIVATRKK
;
_entity_poly.pdbx_strand_id   A
#
# COMPACT_ATOMS: atom_id res chain seq x y z
N GLU A 6 -1.89 12.98 19.83
CA GLU A 6 -1.58 14.27 19.23
C GLU A 6 -1.23 14.18 17.70
N PRO A 7 -0.03 13.79 17.28
CA PRO A 7 0.21 13.70 15.82
C PRO A 7 -0.52 12.52 15.20
N GLU A 8 -0.77 12.63 13.89
CA GLU A 8 -1.75 11.79 13.22
C GLU A 8 -1.25 11.33 11.85
N LEU A 9 -0.70 10.12 11.80
CA LEU A 9 -0.20 9.56 10.54
C LEU A 9 -1.35 8.98 9.75
N LYS A 10 -1.65 9.58 8.61
CA LYS A 10 -2.78 9.15 7.78
C LYS A 10 -2.25 8.51 6.50
N VAL A 11 -2.42 7.19 6.39
CA VAL A 11 -1.92 6.39 5.28
C VAL A 11 -3.10 5.90 4.46
N GLY A 12 -2.97 5.93 3.13
CA GLY A 12 -4.00 5.47 2.22
C GLY A 12 -3.49 4.29 1.43
N ILE A 13 -4.28 3.19 1.46
CA ILE A 13 -3.98 2.01 0.65
C ILE A 13 -4.72 2.13 -0.68
N VAL A 14 -4.03 1.84 -1.78
CA VAL A 14 -4.54 2.14 -3.12
C VAL A 14 -4.12 1.04 -4.07
N GLY A 15 -5.09 0.46 -4.76
CA GLY A 15 -4.98 -0.70 -5.60
C GLY A 15 -6.35 -1.29 -5.81
N ASN A 16 -6.47 -2.07 -6.88
CA ASN A 16 -7.77 -2.72 -7.09
C ASN A 16 -7.93 -3.89 -6.11
N LEU A 17 -9.14 -4.45 -6.06
CA LEU A 17 -9.45 -5.44 -5.04
C LEU A 17 -8.97 -6.83 -5.39
N ALA A 18 -8.36 -7.02 -6.55
CA ALA A 18 -7.68 -8.26 -6.87
C ALA A 18 -6.19 -8.19 -6.55
N SER A 19 -5.79 -7.22 -5.73
CA SER A 19 -4.39 -6.91 -5.47
C SER A 19 -3.89 -7.45 -4.13
N GLY A 20 -4.78 -8.01 -3.30
CA GLY A 20 -4.37 -8.48 -2.00
C GLY A 20 -4.10 -7.40 -0.98
N LYS A 21 -4.49 -6.16 -1.26
CA LYS A 21 -4.22 -5.07 -0.33
C LYS A 21 -4.95 -5.25 0.99
N SER A 22 -6.12 -5.89 0.96
CA SER A 22 -6.89 -6.05 2.20
C SER A 22 -6.26 -7.09 3.12
N ALA A 23 -5.84 -8.22 2.56
CA ALA A 23 -5.10 -9.21 3.34
C ALA A 23 -3.90 -8.58 4.01
N LEU A 24 -3.22 -7.67 3.31
CA LEU A 24 -2.00 -7.08 3.85
C LEU A 24 -2.30 -6.15 5.02
N VAL A 25 -3.38 -5.37 4.93
CA VAL A 25 -3.75 -4.51 6.06
C VAL A 25 -4.16 -5.36 7.24
N HIS A 26 -4.89 -6.45 7.00
CA HIS A 26 -5.44 -7.26 8.07
C HIS A 26 -4.34 -8.09 8.70
N ARG A 27 -3.39 -8.57 7.90
CA ARG A 27 -2.20 -9.22 8.47
C ARG A 27 -1.51 -8.29 9.45
N TYR A 28 -1.29 -7.04 9.04
CA TYR A 28 -0.59 -6.07 9.89
C TYR A 28 -1.25 -5.94 11.25
N LEU A 29 -2.57 -5.73 11.27
CA LEU A 29 -3.28 -5.43 12.51
C LEU A 29 -3.48 -6.66 13.39
N THR A 30 -3.61 -7.86 12.79
CA THR A 30 -3.77 -9.07 13.59
C THR A 30 -2.47 -9.85 13.75
N GLY A 31 -1.74 -10.07 12.66
CA GLY A 31 -0.65 -11.02 12.66
C GLY A 31 -1.08 -12.41 12.26
N THR A 32 -2.24 -12.54 11.63
CA THR A 32 -2.84 -13.82 11.24
C THR A 32 -3.48 -13.63 9.87
N TYR A 33 -3.90 -14.73 9.26
CA TYR A 33 -4.30 -14.70 7.86
C TYR A 33 -5.67 -15.36 7.62
N VAL A 34 -6.70 -14.52 7.43
CA VAL A 34 -7.95 -14.94 6.81
C VAL A 34 -7.91 -14.46 5.36
N GLN A 35 -8.52 -15.23 4.46
CA GLN A 35 -8.40 -14.95 3.03
C GLN A 35 -9.23 -13.74 2.62
N GLU A 36 -10.56 -13.84 2.75
CA GLU A 36 -11.53 -12.83 2.37
C GLU A 36 -11.01 -11.40 2.27
N GLU A 37 -11.22 -10.79 1.10
CA GLU A 37 -10.99 -9.37 0.90
C GLU A 37 -12.23 -8.56 1.27
N SER A 38 -12.15 -7.24 1.17
CA SER A 38 -13.25 -6.36 1.54
C SER A 38 -13.62 -5.44 0.39
N PRO A 39 -14.71 -5.74 -0.34
CA PRO A 39 -15.07 -4.92 -1.50
C PRO A 39 -15.44 -3.45 -1.24
N GLU A 40 -15.38 -3.01 0.02
CA GLU A 40 -15.67 -1.61 0.33
C GLU A 40 -14.69 -1.03 1.34
N GLY A 41 -13.66 -1.78 1.71
CA GLY A 41 -12.47 -1.21 2.36
C GLY A 41 -12.55 -1.22 3.87
N GLY A 42 -12.56 -0.04 4.46
CA GLY A 42 -12.59 0.14 5.89
C GLY A 42 -11.53 1.13 6.37
N ARG A 43 -11.64 1.46 7.66
CA ARG A 43 -10.70 2.37 8.33
C ARG A 43 -10.15 1.69 9.57
N PHE A 44 -8.87 1.92 9.86
CA PHE A 44 -8.16 1.20 10.92
C PHE A 44 -7.20 2.10 11.68
N LYS A 45 -6.61 1.54 12.74
CA LYS A 45 -5.83 2.30 13.72
C LYS A 45 -4.70 1.44 14.29
N LYS A 46 -3.64 2.11 14.77
CA LYS A 46 -2.57 1.40 15.47
C LYS A 46 -1.45 2.28 16.01
N GLU A 47 -1.36 2.44 17.34
CA GLU A 47 -0.19 3.08 17.95
C GLU A 47 1.08 2.40 17.44
N ILE A 48 2.05 3.22 16.99
CA ILE A 48 3.41 2.73 16.73
C ILE A 48 4.39 3.81 17.11
N VAL A 49 5.63 3.40 17.39
CA VAL A 49 6.67 4.31 17.87
C VAL A 49 7.63 4.62 16.72
N VAL A 50 7.84 5.91 16.48
CA VAL A 50 8.88 6.42 15.60
C VAL A 50 9.61 7.50 16.38
N ASP A 51 10.95 7.37 16.51
CA ASP A 51 11.77 8.22 17.38
C ASP A 51 11.34 8.10 18.84
N GLY A 52 11.04 6.88 19.26
CA GLY A 52 10.57 6.63 20.60
C GLY A 52 9.40 7.50 21.04
N GLN A 53 8.74 8.17 20.09
CA GLN A 53 7.53 8.93 20.35
C GLN A 53 6.36 8.15 19.75
N SER A 54 5.17 8.35 20.31
CA SER A 54 4.02 7.48 20.03
C SER A 54 3.03 8.19 19.11
N TYR A 55 2.92 7.68 17.88
CA TYR A 55 2.02 8.22 16.85
C TYR A 55 0.86 7.25 16.62
N LEU A 56 -0.27 7.79 16.18
CA LEU A 56 -1.44 6.99 15.83
C LEU A 56 -1.51 6.86 14.30
N LEU A 57 -1.56 5.63 13.82
CA LEU A 57 -1.57 5.32 12.39
C LEU A 57 -3.00 5.09 11.93
N LEU A 58 -3.46 5.93 11.01
CA LEU A 58 -4.80 5.83 10.43
C LEU A 58 -4.70 5.33 9.00
N ILE A 59 -5.56 4.38 8.67
CA ILE A 59 -5.40 3.56 7.46
C ILE A 59 -6.74 3.56 6.73
N ARG A 60 -6.86 4.38 5.70
CA ARG A 60 -8.03 4.34 4.82
C ARG A 60 -7.74 3.45 3.61
N ASP A 61 -8.57 2.42 3.44
CA ASP A 61 -8.60 1.57 2.25
C ASP A 61 -9.98 1.75 1.65
N GLU A 62 -10.09 2.47 0.54
CA GLU A 62 -11.42 2.84 0.05
C GLU A 62 -12.10 1.66 -0.66
N GLY A 63 -11.41 1.03 -1.60
CA GLY A 63 -12.03 0.09 -2.51
C GLY A 63 -12.06 0.66 -3.92
N GLY A 64 -12.97 1.59 -4.17
CA GLY A 64 -13.06 2.25 -5.46
C GLY A 64 -11.76 2.93 -5.82
N PRO A 65 -11.73 3.65 -6.93
CA PRO A 65 -10.57 4.50 -7.24
C PRO A 65 -10.34 5.51 -6.13
N PRO A 66 -9.39 6.42 -6.30
CA PRO A 66 -9.25 7.52 -5.34
C PRO A 66 -9.97 8.77 -5.82
N GLU A 67 -10.49 9.57 -4.90
CA GLU A 67 -11.18 10.80 -5.25
C GLU A 67 -10.54 11.99 -4.56
N ALA A 68 -11.08 13.17 -4.85
CA ALA A 68 -10.68 14.40 -4.18
C ALA A 68 -10.63 14.20 -2.66
N GLN A 69 -11.76 13.90 -2.05
CA GLN A 69 -11.86 13.86 -0.59
C GLN A 69 -10.80 12.96 0.01
N PHE A 70 -10.64 11.76 -0.56
CA PHE A 70 -9.61 10.84 -0.09
C PHE A 70 -8.21 11.37 -0.37
N ALA A 71 -7.98 11.82 -1.61
CA ALA A 71 -6.64 12.24 -2.00
C ALA A 71 -6.12 13.39 -1.14
N MET A 72 -7.01 14.26 -0.68
CA MET A 72 -6.59 15.35 0.19
C MET A 72 -6.32 14.87 1.61
N TRP A 73 -7.05 13.85 2.07
CA TRP A 73 -6.96 13.39 3.44
C TRP A 73 -5.59 12.80 3.75
N VAL A 74 -5.05 12.01 2.82
CA VAL A 74 -3.89 11.18 3.14
C VAL A 74 -2.69 12.06 3.50
N ASP A 75 -1.72 11.42 4.13
CA ASP A 75 -0.38 11.97 4.29
C ASP A 75 0.67 11.17 3.53
N ALA A 76 0.30 10.01 3.01
CA ALA A 76 1.18 9.08 2.33
C ALA A 76 0.28 8.01 1.72
N VAL A 77 0.80 7.32 0.71
CA VAL A 77 0.00 6.38 -0.08
C VAL A 77 0.81 5.15 -0.37
N ILE A 78 0.28 4.00 0.00
CA ILE A 78 0.81 2.69 -0.37
C ILE A 78 0.05 2.21 -1.60
N PHE A 79 0.76 1.91 -2.66
CA PHE A 79 0.16 1.42 -3.90
C PHE A 79 0.37 -0.08 -3.97
N VAL A 80 -0.69 -0.82 -4.26
CA VAL A 80 -0.62 -2.28 -4.22
C VAL A 80 -1.12 -2.91 -5.51
N PHE A 81 -0.38 -3.93 -5.96
CA PHE A 81 -0.78 -4.83 -7.03
C PHE A 81 -0.41 -6.22 -6.52
N SER A 82 -0.86 -7.25 -7.21
CA SER A 82 -0.40 -8.60 -6.91
C SER A 82 0.55 -9.06 -8.00
N LEU A 83 1.59 -9.79 -7.61
CA LEU A 83 2.61 -10.22 -8.57
C LEU A 83 2.08 -11.22 -9.59
N GLU A 84 0.80 -11.57 -9.51
CA GLU A 84 0.19 -12.54 -10.42
C GLU A 84 -1.11 -12.01 -10.99
N ASP A 85 -1.17 -10.70 -11.25
CA ASP A 85 -2.30 -10.15 -12.00
C ASP A 85 -1.82 -8.93 -12.77
N GLU A 86 -1.69 -9.09 -14.09
CA GLU A 86 -1.45 -7.98 -15.01
C GLU A 86 -2.28 -6.75 -14.69
N ILE A 87 -3.52 -6.92 -14.24
CA ILE A 87 -4.42 -5.78 -14.12
C ILE A 87 -4.26 -5.07 -12.79
N SER A 88 -4.00 -5.79 -11.69
CA SER A 88 -3.65 -5.09 -10.46
C SER A 88 -2.44 -4.20 -10.72
N PHE A 89 -1.51 -4.68 -11.54
CA PHE A 89 -0.32 -3.92 -11.90
C PHE A 89 -0.69 -2.67 -12.66
N GLN A 90 -1.36 -2.83 -13.81
CA GLN A 90 -1.69 -1.69 -14.64
C GLN A 90 -2.48 -0.64 -13.86
N THR A 91 -3.42 -1.10 -13.04
CA THR A 91 -4.31 -0.20 -12.30
C THR A 91 -3.55 0.70 -11.34
N VAL A 92 -2.33 0.33 -10.95
CA VAL A 92 -1.53 1.21 -10.12
C VAL A 92 -1.14 2.45 -10.91
N TYR A 93 -0.69 2.26 -12.15
CA TYR A 93 -0.31 3.37 -13.01
C TYR A 93 -1.46 4.33 -13.24
N HIS A 94 -2.69 3.79 -13.36
CA HIS A 94 -3.86 4.64 -13.47
C HIS A 94 -4.11 5.40 -12.18
N TYR A 95 -4.26 4.68 -11.06
CA TYR A 95 -4.59 5.32 -9.79
C TYR A 95 -3.54 6.33 -9.38
N TYR A 96 -2.28 6.10 -9.75
CA TYR A 96 -1.24 7.11 -9.57
C TYR A 96 -1.59 8.39 -10.32
N SER A 97 -1.72 8.29 -11.63
CA SER A 97 -2.14 9.40 -12.47
C SER A 97 -3.30 10.17 -11.86
N ARG A 98 -4.24 9.44 -11.29
CA ARG A 98 -5.48 10.02 -10.81
C ARG A 98 -5.38 10.51 -9.37
N MET A 99 -4.33 10.10 -8.64
CA MET A 99 -3.98 10.78 -7.41
C MET A 99 -3.34 12.11 -7.73
N ALA A 100 -2.52 12.15 -8.80
CA ALA A 100 -1.88 13.38 -9.22
C ALA A 100 -2.89 14.46 -9.59
N ASN A 101 -4.08 14.05 -10.04
CA ASN A 101 -5.13 15.03 -10.28
C ASN A 101 -5.40 15.87 -9.04
N TYR A 102 -5.36 15.25 -7.86
CA TYR A 102 -5.84 15.92 -6.65
C TYR A 102 -4.75 16.19 -5.62
N ARG A 103 -3.58 15.57 -5.72
CA ARG A 103 -2.48 15.88 -4.81
C ARG A 103 -1.18 15.93 -5.60
N ASN A 104 -0.15 16.50 -4.96
CA ASN A 104 1.19 16.55 -5.53
C ASN A 104 1.89 15.26 -5.14
N THR A 105 1.80 14.26 -6.02
CA THR A 105 2.35 12.94 -5.74
C THR A 105 3.87 12.92 -5.67
N SER A 106 4.52 14.02 -6.04
CA SER A 106 5.97 14.11 -6.01
C SER A 106 6.50 14.67 -4.69
N GLU A 107 5.60 15.06 -3.78
CA GLU A 107 5.96 15.63 -2.49
C GLU A 107 5.36 14.81 -1.33
N ILE A 108 5.11 13.54 -1.57
CA ILE A 108 4.25 12.77 -0.68
C ILE A 108 4.83 11.36 -0.57
N PRO A 109 5.08 10.87 0.63
CA PRO A 109 5.68 9.53 0.76
C PRO A 109 4.86 8.48 0.02
N LEU A 110 5.53 7.75 -0.86
CA LEU A 110 4.92 6.64 -1.56
C LEU A 110 5.69 5.36 -1.27
N VAL A 111 4.95 4.25 -1.29
CA VAL A 111 5.53 2.91 -1.25
C VAL A 111 4.74 2.04 -2.23
N LEU A 112 5.44 1.37 -3.12
CA LEU A 112 4.83 0.39 -4.00
C LEU A 112 4.98 -0.98 -3.38
N VAL A 113 3.91 -1.77 -3.41
CA VAL A 113 3.92 -3.12 -2.84
C VAL A 113 3.33 -4.10 -3.84
N GLY A 114 4.12 -5.11 -4.20
CA GLY A 114 3.61 -6.28 -4.89
C GLY A 114 3.43 -7.41 -3.91
N THR A 115 2.32 -8.15 -4.05
CA THR A 115 1.99 -9.23 -3.13
C THR A 115 2.22 -10.60 -3.79
N GLN A 116 2.65 -11.58 -2.98
CA GLN A 116 2.86 -12.93 -3.47
C GLN A 116 1.64 -13.82 -3.28
N ASP A 117 0.86 -13.61 -2.23
CA ASP A 117 -0.09 -14.60 -1.72
C ASP A 117 -0.72 -15.48 -2.79
N ALA A 118 -1.13 -14.88 -3.91
CA ALA A 118 -1.96 -15.55 -4.89
C ALA A 118 -1.18 -16.47 -5.82
N ILE A 119 0.14 -16.35 -5.87
CA ILE A 119 0.93 -17.23 -6.72
C ILE A 119 0.75 -18.69 -6.29
N SER A 120 0.90 -19.60 -7.25
CA SER A 120 0.87 -21.02 -6.98
C SER A 120 0.98 -21.82 -8.28
N SER A 121 0.80 -23.14 -8.18
CA SER A 121 0.80 -24.01 -9.35
C SER A 121 -0.02 -23.41 -10.49
N ALA A 122 -1.29 -23.12 -10.21
CA ALA A 122 -2.21 -22.69 -11.25
C ALA A 122 -1.97 -21.25 -11.68
N ASN A 123 -1.76 -20.35 -10.72
CA ASN A 123 -1.52 -18.94 -11.03
C ASN A 123 -0.05 -18.59 -10.90
N PRO A 124 0.75 -18.75 -11.95
CA PRO A 124 2.17 -18.41 -11.85
C PRO A 124 2.39 -16.90 -11.90
N ARG A 125 3.35 -16.44 -11.10
CA ARG A 125 3.83 -15.07 -11.11
C ARG A 125 3.92 -14.53 -12.53
N VAL A 126 3.66 -13.23 -12.72
CA VAL A 126 3.62 -12.67 -14.07
C VAL A 126 4.34 -11.33 -14.16
N ILE A 127 4.77 -10.79 -13.02
CA ILE A 127 5.49 -9.52 -12.97
C ILE A 127 6.88 -9.79 -12.43
N ASP A 128 7.85 -9.88 -13.34
CA ASP A 128 9.24 -10.11 -12.97
C ASP A 128 9.86 -8.82 -12.41
N ASP A 129 11.01 -8.98 -11.76
CA ASP A 129 11.62 -7.88 -11.03
C ASP A 129 11.95 -6.71 -11.96
N ALA A 130 12.41 -7.01 -13.18
CA ALA A 130 12.70 -5.95 -14.13
C ALA A 130 11.51 -5.00 -14.27
N ARG A 131 10.29 -5.54 -14.25
CA ARG A 131 9.11 -4.74 -14.55
C ARG A 131 8.66 -3.93 -13.34
N ALA A 132 8.60 -4.55 -12.17
CA ALA A 132 8.30 -3.80 -10.95
C ALA A 132 9.26 -2.64 -10.80
N ARG A 133 10.56 -2.89 -11.00
CA ARG A 133 11.56 -1.83 -10.95
C ARG A 133 11.19 -0.67 -11.87
N LYS A 134 10.64 -0.95 -13.05
CA LYS A 134 10.20 0.12 -13.93
C LYS A 134 9.05 0.91 -13.31
N LEU A 135 8.07 0.22 -12.73
CA LEU A 135 6.98 0.90 -12.06
C LEU A 135 7.49 1.75 -10.91
N SER A 136 8.39 1.20 -10.10
CA SER A 136 8.99 1.96 -9.00
C SER A 136 9.59 3.27 -9.50
N ASN A 137 10.20 3.27 -10.69
CA ASN A 137 10.81 4.49 -11.20
C ASN A 137 9.78 5.46 -11.76
N ASP A 138 8.79 4.97 -12.52
CA ASP A 138 7.75 5.87 -13.00
C ASP A 138 7.03 6.56 -11.85
N LEU A 139 7.14 6.01 -10.64
CA LEU A 139 6.60 6.64 -9.43
C LEU A 139 7.67 7.42 -8.67
N LYS A 140 8.71 7.88 -9.37
CA LYS A 140 9.77 8.67 -8.75
C LYS A 140 10.68 7.80 -7.87
N ARG A 141 11.05 6.63 -8.39
CA ARG A 141 11.90 5.66 -7.71
C ARG A 141 11.59 5.60 -6.22
N CYS A 142 10.32 5.29 -5.93
CA CYS A 142 9.85 5.07 -4.58
C CYS A 142 10.32 3.71 -4.07
N THR A 143 10.33 3.56 -2.74
CA THR A 143 10.67 2.28 -2.16
C THR A 143 9.68 1.21 -2.62
N TYR A 144 10.14 -0.05 -2.67
CA TYR A 144 9.32 -1.16 -3.15
C TYR A 144 9.52 -2.37 -2.26
N TYR A 145 8.50 -3.23 -2.21
CA TYR A 145 8.52 -4.40 -1.36
C TYR A 145 7.73 -5.54 -2.00
N GLU A 146 8.03 -6.76 -1.59
CA GLU A 146 7.17 -7.92 -1.80
C GLU A 146 6.61 -8.34 -0.45
N THR A 147 5.43 -8.95 -0.46
CA THR A 147 4.81 -9.39 0.78
C THR A 147 4.07 -10.69 0.60
N CYS A 148 4.25 -11.59 1.56
CA CYS A 148 3.30 -12.67 1.80
C CYS A 148 2.54 -12.30 3.07
N ALA A 149 1.22 -12.13 2.96
CA ALA A 149 0.40 -12.03 4.16
C ALA A 149 0.28 -13.37 4.87
N THR A 150 0.29 -14.47 4.10
CA THR A 150 0.23 -15.81 4.70
C THR A 150 1.26 -15.93 5.82
N TYR A 151 2.57 -15.79 5.49
CA TYR A 151 3.58 -15.72 6.57
C TYR A 151 4.44 -14.46 6.44
N GLY A 152 3.91 -13.33 6.92
CA GLY A 152 4.73 -12.26 7.47
C GLY A 152 5.59 -11.35 6.62
N LEU A 153 6.18 -11.85 5.54
CA LEU A 153 7.22 -11.12 4.83
C LEU A 153 6.92 -9.63 4.59
N ASN A 154 7.68 -8.76 5.25
CA ASN A 154 7.80 -7.33 4.96
C ASN A 154 6.58 -6.52 5.37
N VAL A 155 5.54 -7.13 5.92
CA VAL A 155 4.34 -6.39 6.31
C VAL A 155 4.67 -5.34 7.36
N GLU A 156 5.55 -5.66 8.31
CA GLU A 156 5.98 -4.67 9.27
C GLU A 156 6.78 -3.56 8.60
N ARG A 157 7.76 -3.96 7.78
CA ARG A 157 8.69 -3.01 7.19
C ARG A 157 7.95 -1.97 6.37
N VAL A 158 7.02 -2.42 5.52
CA VAL A 158 6.23 -1.50 4.70
C VAL A 158 5.67 -0.37 5.56
N PHE A 159 4.98 -0.72 6.63
CA PHE A 159 4.19 0.25 7.38
C PHE A 159 5.05 1.11 8.29
N GLN A 160 6.19 0.59 8.74
CA GLN A 160 7.17 1.39 9.48
C GLN A 160 7.97 2.26 8.52
N ASP A 161 8.29 1.73 7.34
CA ASP A 161 8.88 2.54 6.29
C ASP A 161 8.06 3.80 6.04
N VAL A 162 6.76 3.63 5.85
CA VAL A 162 5.89 4.76 5.48
C VAL A 162 5.85 5.76 6.62
N ALA A 163 5.68 5.27 7.85
CA ALA A 163 5.53 6.16 9.00
C ALA A 163 6.78 7.01 9.19
N GLN A 164 7.96 6.38 9.15
CA GLN A 164 9.20 7.14 9.19
C GLN A 164 9.17 8.29 8.19
N LYS A 165 8.85 7.99 6.92
CA LYS A 165 8.80 9.03 5.90
C LYS A 165 7.83 10.14 6.31
N ILE A 166 6.72 9.78 6.94
CA ILE A 166 5.71 10.77 7.27
C ILE A 166 6.22 11.72 8.35
N VAL A 167 6.67 11.19 9.48
CA VAL A 167 7.21 12.06 10.53
C VAL A 167 8.33 12.92 9.98
N ALA A 168 9.23 12.31 9.21
CA ALA A 168 10.42 12.99 8.72
C ALA A 168 10.11 14.22 7.88
N THR A 169 8.87 14.36 7.42
CA THR A 169 8.46 15.56 6.69
C THR A 169 7.80 16.59 7.60
N ARG A 170 7.75 16.33 8.91
CA ARG A 170 7.30 17.29 9.90
C ARG A 170 8.53 17.82 10.65
#